data_4GK2
#
_entry.id   4GK2
#
_cell.length_a   52.601
_cell.length_b   38.195
_cell.length_c   75.704
_cell.angle_alpha   90.00
_cell.angle_beta   101.71
_cell.angle_gamma   90.00
#
_symmetry.space_group_name_H-M   'P 1 21 1'
#
loop_
_entity.id
_entity.type
_entity.pdbx_description
1 polymer 'EPH receptor A3'
2 non-polymer 7-(5-hydroxy-2-methylphenyl)-8-(2-methoxyphenyl)-1-methyl-1H-imidazo[2,1-f]purine-2,4(3H,8H)-dione
3 water water
#
_entity_poly.entity_id   1
_entity_poly.type   'polypeptide(L)'
_entity_poly.pdbx_seq_one_letter_code
;MGSSHHHHHHSSGLVPRGSTQTVHEFAKELDATNISIDKVVGAGEFGEVCSGRLKLPSKKEISVAIKTLKVGYTEKQRRD
FLGEASIMGQFDHPNIIRLEGVVTKSKPVMIVTEYMENGSLDSFLRKHDAQFTVIQLVGMLRGIASGMKYLSDMGYVHRD
LAARNILINSNLVCKVSDFGLSRVLEDDPEAAYTTRGGKIPIRWTSPEAIAYRKFTSASDVWSYGIVLWEVMSYGERPYW
EMSNQDVIKAVDEGYRLPPPMDCPAALYQLMLDCWQKDRNNRPKFEQIVSILDKLIRNPGSLKIITSAAARPSNLLLDQS
NVDITTFRTTGDWLNGVWTAHCKEIFTGVEYSSCDTIAKIS
;
_entity_poly.pdbx_strand_id   A
#
# COMPACT_ATOMS: atom_id res chain seq x y z
N VAL A 23 16.09 16.79 -2.25
CA VAL A 23 15.12 16.01 -3.02
C VAL A 23 15.78 15.33 -4.22
N HIS A 24 16.66 16.05 -4.90
CA HIS A 24 17.32 15.53 -6.09
C HIS A 24 18.47 14.59 -5.74
N GLU A 25 18.61 14.32 -4.45
CA GLU A 25 19.57 13.35 -3.97
C GLU A 25 19.16 11.95 -4.40
N PHE A 26 17.86 11.66 -4.28
CA PHE A 26 17.33 10.34 -4.63
C PHE A 26 16.39 10.42 -5.83
N ALA A 27 15.98 11.63 -6.19
CA ALA A 27 15.01 11.81 -7.27
C ALA A 27 15.61 12.50 -8.48
N LYS A 28 15.58 11.81 -9.62
CA LYS A 28 16.03 12.36 -10.88
C LYS A 28 15.11 13.48 -11.35
N GLU A 29 15.66 14.63 -11.71
CA GLU A 29 14.88 15.66 -12.38
C GLU A 29 14.54 15.20 -13.78
N LEU A 30 13.26 15.23 -14.14
CA LEU A 30 12.83 14.90 -15.50
C LEU A 30 12.63 16.14 -16.33
N ASP A 31 12.86 16.01 -17.64
CA ASP A 31 12.54 17.09 -18.55
C ASP A 31 11.07 16.99 -18.96
N ALA A 32 10.32 18.08 -18.80
CA ALA A 32 8.87 18.05 -19.06
C ALA A 32 8.55 17.77 -20.53
N THR A 33 9.51 18.08 -21.39
CA THR A 33 9.36 17.90 -22.82
C THR A 33 9.31 16.42 -23.18
N ASN A 34 9.82 15.59 -22.29
CA ASN A 34 9.77 14.14 -22.45
C ASN A 34 8.48 13.52 -21.92
N ILE A 35 7.58 14.35 -21.41
CA ILE A 35 6.36 13.85 -20.77
C ILE A 35 5.06 14.28 -21.46
N SER A 36 4.24 13.30 -21.85
CA SER A 36 2.90 13.61 -22.33
C SER A 36 1.84 13.22 -21.31
N ILE A 37 0.86 14.11 -21.12
CA ILE A 37 -0.29 13.83 -20.25
C ILE A 37 -1.42 13.35 -21.15
N ASP A 38 -2.05 12.24 -20.79
CA ASP A 38 -3.09 11.70 -21.65
C ASP A 38 -4.46 11.75 -20.99
N LYS A 39 -4.51 11.74 -19.66
CA LYS A 39 -5.79 11.62 -18.94
C LYS A 39 -5.70 11.99 -17.46
N VAL A 40 -6.84 12.35 -16.88
CA VAL A 40 -6.94 12.59 -15.44
C VAL A 40 -7.59 11.40 -14.76
N VAL A 41 -6.82 10.69 -13.93
CA VAL A 41 -7.23 9.39 -13.40
C VAL A 41 -7.73 9.49 -11.95
N GLY A 42 -7.84 10.71 -11.44
CA GLY A 42 -8.26 10.88 -10.06
C GLY A 42 -7.70 12.11 -9.37
N ALA A 43 -7.88 12.17 -8.06
CA ALA A 43 -7.47 13.33 -7.30
C ALA A 43 -6.72 12.90 -6.05
N GLY A 44 -5.65 13.61 -5.74
CA GLY A 44 -4.85 13.32 -4.55
C GLY A 44 -4.99 14.44 -3.55
N GLU A 45 -4.25 14.35 -2.45
CA GLU A 45 -4.33 15.37 -1.41
C GLU A 45 -3.84 16.71 -1.94
N PHE A 46 -2.77 16.66 -2.74
CA PHE A 46 -2.11 17.87 -3.19
C PHE A 46 -2.46 18.31 -4.61
N GLY A 47 -3.26 17.52 -5.33
CA GLY A 47 -3.61 17.86 -6.70
C GLY A 47 -3.99 16.67 -7.57
N GLU A 48 -4.46 16.93 -8.79
CA GLU A 48 -4.91 15.88 -9.70
C GLU A 48 -3.87 14.79 -9.84
N VAL A 49 -4.34 13.56 -10.07
CA VAL A 49 -3.47 12.48 -10.49
C VAL A 49 -3.76 12.16 -11.95
N CYS A 50 -2.70 12.02 -12.75
CA CYS A 50 -2.87 11.83 -14.19
C CYS A 50 -2.13 10.61 -14.70
N SER A 51 -2.45 10.19 -15.92
CA SER A 51 -1.71 9.13 -16.56
C SER A 51 -1.14 9.70 -17.84
N GLY A 52 -0.04 9.13 -18.31
CA GLY A 52 0.58 9.66 -19.51
C GLY A 52 1.73 8.77 -19.92
N ARG A 53 2.71 9.38 -20.59
CA ARG A 53 3.86 8.65 -21.06
C ARG A 53 5.12 9.44 -20.84
N LEU A 54 6.21 8.72 -20.69
CA LEU A 54 7.51 9.31 -20.44
C LEU A 54 8.48 8.71 -21.42
N LYS A 55 9.20 9.56 -22.13
CA LYS A 55 10.28 9.13 -23.00
C LYS A 55 11.59 9.16 -22.21
N LEU A 56 12.18 7.98 -22.06
CA LEU A 56 13.42 7.82 -21.31
C LEU A 56 14.63 8.25 -22.15
N PRO A 57 15.77 8.53 -21.48
CA PRO A 57 17.02 8.89 -22.16
C PRO A 57 17.40 7.91 -23.27
N SER A 58 17.15 6.63 -23.06
CA SER A 58 17.40 5.60 -24.08
C SER A 58 16.39 5.61 -25.23
N LYS A 59 15.48 6.58 -25.22
CA LYS A 59 14.38 6.72 -26.21
C LYS A 59 13.14 5.82 -25.99
N LYS A 60 13.23 4.84 -25.10
CA LYS A 60 12.09 3.98 -24.81
C LYS A 60 10.96 4.81 -24.20
N GLU A 61 9.72 4.49 -24.56
CA GLU A 61 8.57 5.21 -24.03
C GLU A 61 7.77 4.30 -23.11
N ILE A 62 7.42 4.81 -21.93
CA ILE A 62 6.69 4.00 -20.96
C ILE A 62 5.45 4.73 -20.47
N SER A 63 4.48 3.96 -20.01
CA SER A 63 3.29 4.50 -19.35
C SER A 63 3.67 4.93 -17.96
N VAL A 64 3.19 6.09 -17.56
CA VAL A 64 3.44 6.57 -16.21
C VAL A 64 2.18 7.10 -15.56
N ALA A 65 2.16 7.11 -14.22
CA ALA A 65 1.18 7.86 -13.46
C ALA A 65 1.85 9.13 -12.98
N ILE A 66 1.09 10.21 -12.82
CA ILE A 66 1.67 11.50 -12.47
C ILE A 66 0.86 12.21 -11.38
N LYS A 67 1.52 12.47 -10.27
CA LYS A 67 0.92 13.27 -9.21
C LYS A 67 1.32 14.70 -9.53
N THR A 68 0.34 15.60 -9.57
CA THR A 68 0.62 17.02 -9.79
C THR A 68 0.32 17.83 -8.55
N LEU A 69 1.10 18.88 -8.34
CA LEU A 69 0.88 19.76 -7.21
C LEU A 69 -0.02 20.90 -7.63
N LYS A 70 -1.16 21.02 -6.97
CA LYS A 70 -2.14 22.06 -7.29
C LYS A 70 -1.49 23.43 -7.50
N VAL A 71 -2.03 24.21 -8.42
CA VAL A 71 -1.59 25.59 -8.61
C VAL A 71 -1.88 26.43 -7.36
N GLY A 72 -0.95 27.30 -6.99
CA GLY A 72 -1.16 28.20 -5.87
C GLY A 72 -0.73 27.61 -4.54
N TYR A 73 0.00 26.50 -4.63
CA TYR A 73 0.50 25.79 -3.46
C TYR A 73 1.37 26.71 -2.60
N THR A 74 1.53 26.37 -1.34
CA THR A 74 2.43 27.07 -0.43
C THR A 74 3.77 26.34 -0.33
N GLU A 75 4.79 27.01 0.22
CA GLU A 75 6.12 26.43 0.36
C GLU A 75 6.07 25.12 1.17
N LYS A 76 5.18 25.09 2.15
CA LYS A 76 5.01 23.93 3.01
C LYS A 76 4.37 22.77 2.25
N GLN A 77 3.34 23.05 1.47
CA GLN A 77 2.76 22.01 0.63
C GLN A 77 3.81 21.42 -0.31
N ARG A 78 4.59 22.28 -0.95
CA ARG A 78 5.60 21.82 -1.90
C ARG A 78 6.62 20.90 -1.24
N ARG A 79 7.11 21.33 -0.07
CA ARG A 79 8.10 20.53 0.65
C ARG A 79 7.50 19.19 1.09
N ASP A 80 6.24 19.19 1.51
CA ASP A 80 5.57 17.95 1.89
C ASP A 80 5.24 17.08 0.68
N PHE A 81 4.81 17.71 -0.42
CA PHE A 81 4.51 17.02 -1.66
C PHE A 81 5.74 16.25 -2.12
N LEU A 82 6.84 16.98 -2.30
CA LEU A 82 8.09 16.43 -2.81
C LEU A 82 8.81 15.53 -1.80
N GLY A 83 8.49 15.70 -0.52
CA GLY A 83 9.04 14.83 0.51
C GLY A 83 8.77 13.36 0.21
N GLU A 84 7.57 13.07 -0.31
CA GLU A 84 7.24 11.71 -0.72
C GLU A 84 8.23 11.12 -1.73
N ALA A 85 8.68 11.94 -2.68
CA ALA A 85 9.63 11.48 -3.69
C ALA A 85 11.02 11.16 -3.14
N SER A 86 11.45 11.89 -2.12
CA SER A 86 12.76 11.64 -1.51
C SER A 86 12.76 10.26 -0.88
N ILE A 87 11.67 9.92 -0.20
CA ILE A 87 11.52 8.60 0.38
C ILE A 87 11.41 7.55 -0.72
N MET A 88 10.42 7.71 -1.59
CA MET A 88 10.18 6.76 -2.66
C MET A 88 11.46 6.51 -3.49
N GLY A 89 12.28 7.54 -3.66
CA GLY A 89 13.47 7.42 -4.48
C GLY A 89 14.56 6.49 -3.94
N GLN A 90 14.46 6.14 -2.66
CA GLN A 90 15.47 5.29 -2.03
C GLN A 90 15.16 3.82 -2.20
N PHE A 91 13.96 3.54 -2.72
CA PHE A 91 13.47 2.18 -2.88
C PHE A 91 13.47 1.74 -4.34
N ASP A 92 14.07 0.58 -4.61
CA ASP A 92 14.08 -0.02 -5.94
C ASP A 92 13.74 -1.50 -5.77
N HIS A 93 12.47 -1.85 -6.00
CA HIS A 93 11.98 -3.20 -5.69
C HIS A 93 10.76 -3.46 -6.55
N PRO A 94 10.61 -4.71 -7.01
CA PRO A 94 9.46 -4.99 -7.87
C PRO A 94 8.09 -4.75 -7.20
N ASN A 95 8.02 -4.76 -5.86
CA ASN A 95 6.73 -4.56 -5.18
C ASN A 95 6.59 -3.24 -4.42
N ILE A 96 7.48 -2.32 -4.74
CA ILE A 96 7.33 -0.93 -4.33
C ILE A 96 7.20 -0.06 -5.59
N ILE A 97 6.24 0.86 -5.58
CA ILE A 97 5.98 1.72 -6.73
C ILE A 97 7.28 2.38 -7.13
N ARG A 98 7.59 2.32 -8.41
CA ARG A 98 8.86 2.80 -8.95
C ARG A 98 8.78 4.29 -9.30
N LEU A 99 9.68 5.08 -8.72
CA LEU A 99 9.75 6.50 -9.04
C LEU A 99 10.55 6.71 -10.33
N GLU A 100 9.94 7.34 -11.32
CA GLU A 100 10.65 7.66 -12.55
C GLU A 100 11.42 8.98 -12.41
N GLY A 101 10.84 9.91 -11.67
CA GLY A 101 11.50 11.18 -11.41
C GLY A 101 10.52 12.25 -11.00
N VAL A 102 11.01 13.49 -10.89
CA VAL A 102 10.16 14.62 -10.54
C VAL A 102 10.40 15.76 -11.54
N VAL A 103 9.47 16.70 -11.56
CA VAL A 103 9.63 17.92 -12.32
C VAL A 103 9.44 19.06 -11.33
N THR A 104 10.51 19.85 -11.12
CA THR A 104 10.47 20.99 -10.20
C THR A 104 10.89 22.27 -10.92
N LYS A 105 11.71 22.12 -11.97
CA LYS A 105 12.23 23.28 -12.69
C LYS A 105 11.17 23.96 -13.55
N SER A 106 10.10 23.25 -13.85
CA SER A 106 8.93 23.86 -14.48
C SER A 106 7.64 23.51 -13.75
N LYS A 107 6.51 23.95 -14.29
CA LYS A 107 5.24 23.81 -13.58
C LYS A 107 4.18 23.23 -14.49
N PRO A 108 3.20 22.51 -13.93
CA PRO A 108 3.09 22.19 -12.49
C PRO A 108 4.21 21.28 -11.98
N VAL A 109 4.44 21.29 -10.69
CA VAL A 109 5.41 20.37 -10.07
C VAL A 109 4.80 18.97 -10.11
N MET A 110 5.61 17.95 -10.37
CA MET A 110 5.09 16.59 -10.53
C MET A 110 5.97 15.51 -9.94
N ILE A 111 5.31 14.44 -9.51
CA ILE A 111 5.96 13.16 -9.17
C ILE A 111 5.49 12.12 -10.18
N VAL A 112 6.45 11.47 -10.83
CA VAL A 112 6.15 10.56 -11.92
C VAL A 112 6.60 9.14 -11.56
N THR A 113 5.68 8.18 -11.67
CA THR A 113 5.98 6.80 -11.33
C THR A 113 5.56 5.90 -12.47
N GLU A 114 5.93 4.62 -12.38
CA GLU A 114 5.42 3.61 -13.31
C GLU A 114 3.89 3.60 -13.21
N TYR A 115 3.24 3.17 -14.29
CA TYR A 115 1.79 3.15 -14.40
C TYR A 115 1.26 1.78 -14.02
N MET A 116 0.19 1.79 -13.22
CA MET A 116 -0.44 0.56 -12.76
C MET A 116 -1.87 0.48 -13.34
N GLU A 117 -2.07 -0.42 -14.30
CA GLU A 117 -3.31 -0.47 -15.09
C GLU A 117 -4.58 -0.61 -14.26
N ASN A 118 -4.51 -1.43 -13.20
CA ASN A 118 -5.74 -1.78 -12.47
C ASN A 118 -6.00 -0.98 -11.20
N GLY A 119 -5.23 0.09 -10.99
CA GLY A 119 -5.52 1.06 -9.94
C GLY A 119 -5.27 0.57 -8.52
N SER A 120 -6.03 1.12 -7.57
CA SER A 120 -5.97 0.74 -6.15
C SER A 120 -6.48 -0.66 -5.96
N LEU A 121 -5.83 -1.41 -5.07
CA LEU A 121 -6.19 -2.79 -4.85
C LEU A 121 -7.61 -2.91 -4.32
N ASP A 122 -8.01 -1.99 -3.46
CA ASP A 122 -9.32 -2.12 -2.81
C ASP A 122 -10.49 -1.87 -3.78
N SER A 123 -10.38 -0.88 -4.65
CA SER A 123 -11.44 -0.66 -5.62
C SER A 123 -11.40 -1.71 -6.75
N PHE A 124 -10.21 -2.16 -7.10
CA PHE A 124 -10.10 -3.26 -8.04
C PHE A 124 -10.81 -4.50 -7.51
N LEU A 125 -10.55 -4.88 -6.27
CA LEU A 125 -11.17 -6.10 -5.74
C LEU A 125 -12.68 -5.98 -5.57
N ARG A 126 -13.16 -4.78 -5.29
CA ARG A 126 -14.60 -4.56 -5.12
C ARG A 126 -15.37 -4.78 -6.42
N LYS A 127 -14.67 -4.66 -7.55
CA LYS A 127 -15.27 -4.80 -8.85
C LYS A 127 -15.31 -6.28 -9.22
N HIS A 128 -14.57 -7.09 -8.48
CA HIS A 128 -14.43 -8.48 -8.85
C HIS A 128 -14.73 -9.46 -7.72
N ASP A 129 -15.72 -9.11 -6.90
CA ASP A 129 -16.10 -9.93 -5.75
C ASP A 129 -16.20 -11.43 -6.08
N ALA A 130 -15.36 -12.23 -5.43
CA ALA A 130 -15.38 -13.69 -5.54
C ALA A 130 -15.00 -14.19 -6.94
N GLN A 131 -14.39 -13.34 -7.76
CA GLN A 131 -14.02 -13.75 -9.12
C GLN A 131 -12.61 -14.30 -9.29
N PHE A 132 -11.78 -14.21 -8.25
CA PHE A 132 -10.41 -14.72 -8.32
C PHE A 132 -10.25 -16.01 -7.55
N THR A 133 -9.19 -16.77 -7.87
CA THR A 133 -8.90 -17.97 -7.11
C THR A 133 -8.10 -17.61 -5.87
N VAL A 134 -8.05 -18.53 -4.92
CA VAL A 134 -7.27 -18.33 -3.71
C VAL A 134 -5.79 -18.13 -4.01
N ILE A 135 -5.28 -18.89 -4.98
CA ILE A 135 -3.88 -18.75 -5.39
C ILE A 135 -3.59 -17.37 -5.95
N GLN A 136 -4.52 -16.85 -6.76
CA GLN A 136 -4.37 -15.50 -7.29
C GLN A 136 -4.31 -14.47 -6.15
N LEU A 137 -5.24 -14.56 -5.20
CA LEU A 137 -5.22 -13.65 -4.06
C LEU A 137 -3.90 -13.76 -3.30
N VAL A 138 -3.46 -14.99 -3.07
CA VAL A 138 -2.20 -15.19 -2.36
C VAL A 138 -1.03 -14.57 -3.13
N GLY A 139 -1.04 -14.68 -4.46
CA GLY A 139 -0.01 -14.04 -5.27
C GLY A 139 0.08 -12.55 -4.99
N MET A 140 -1.07 -11.89 -4.96
CA MET A 140 -1.15 -10.47 -4.62
C MET A 140 -0.60 -10.20 -3.23
N LEU A 141 -0.98 -11.06 -2.28
CA LEU A 141 -0.60 -10.88 -0.88
C LEU A 141 0.91 -11.08 -0.68
N ARG A 142 1.47 -12.03 -1.43
CA ARG A 142 2.90 -12.30 -1.37
C ARG A 142 3.68 -11.07 -1.83
N GLY A 143 3.30 -10.51 -2.98
CA GLY A 143 3.85 -9.27 -3.47
C GLY A 143 3.85 -8.15 -2.44
N ILE A 144 2.69 -7.86 -1.85
CA ILE A 144 2.64 -6.82 -0.83
C ILE A 144 3.63 -7.14 0.32
N ALA A 145 3.66 -8.39 0.75
CA ALA A 145 4.52 -8.78 1.85
C ALA A 145 5.99 -8.59 1.48
N SER A 146 6.34 -8.88 0.22
CA SER A 146 7.73 -8.75 -0.19
CA SER A 146 7.73 -8.74 -0.20
C SER A 146 8.14 -7.28 -0.24
N GLY A 147 7.27 -6.43 -0.76
CA GLY A 147 7.58 -5.01 -0.76
C GLY A 147 7.78 -4.47 0.65
N MET A 148 6.96 -4.92 1.58
CA MET A 148 7.05 -4.47 2.97
C MET A 148 8.29 -5.00 3.68
N LYS A 149 8.69 -6.23 3.32
CA LYS A 149 9.91 -6.81 3.83
C LYS A 149 11.09 -5.90 3.45
N TYR A 150 11.11 -5.45 2.19
CA TYR A 150 12.18 -4.55 1.75
C TYR A 150 12.07 -3.19 2.46
N LEU A 151 10.85 -2.67 2.59
CA LEU A 151 10.62 -1.40 3.28
C LEU A 151 11.18 -1.42 4.70
N SER A 152 10.83 -2.46 5.45
CA SER A 152 11.30 -2.57 6.83
C SER A 152 12.81 -2.84 6.89
N ASP A 153 13.35 -3.54 5.89
CA ASP A 153 14.79 -3.78 5.80
C ASP A 153 15.52 -2.44 5.70
N MET A 154 14.90 -1.45 5.08
CA MET A 154 15.50 -0.13 4.84
C MET A 154 15.29 0.83 6.02
N GLY A 155 14.67 0.36 7.09
CA GLY A 155 14.45 1.21 8.25
C GLY A 155 13.25 2.15 8.18
N TYR A 156 12.35 1.91 7.23
N TYR A 156 12.35 1.91 7.23
CA TYR A 156 11.18 2.74 7.09
CA TYR A 156 11.18 2.74 7.11
C TYR A 156 9.96 2.08 7.74
C TYR A 156 9.95 2.08 7.74
N VAL A 157 9.14 2.89 8.41
CA VAL A 157 7.84 2.44 8.88
C VAL A 157 6.80 3.20 8.04
N HIS A 158 5.92 2.44 7.40
CA HIS A 158 4.95 3.03 6.49
C HIS A 158 3.87 3.84 7.20
N ARG A 159 3.27 3.25 8.23
CA ARG A 159 2.24 3.91 9.05
C ARG A 159 0.89 4.06 8.33
N ASP A 160 0.85 3.79 7.02
CA ASP A 160 -0.40 3.92 6.28
C ASP A 160 -0.63 2.75 5.33
N LEU A 161 -0.30 1.55 5.78
CA LEU A 161 -0.44 0.39 4.93
C LEU A 161 -1.90 -0.03 4.88
N ALA A 162 -2.48 0.06 3.68
CA ALA A 162 -3.91 -0.13 3.50
C ALA A 162 -4.14 -0.54 2.06
N ALA A 163 -5.18 -1.33 1.81
CA ALA A 163 -5.44 -1.78 0.44
C ALA A 163 -5.51 -0.61 -0.54
N ARG A 164 -6.06 0.52 -0.10
CA ARG A 164 -6.17 1.69 -0.97
C ARG A 164 -4.80 2.31 -1.32
N ASN A 165 -3.75 1.91 -0.61
CA ASN A 165 -2.41 2.42 -0.85
C ASN A 165 -1.55 1.40 -1.60
N ILE A 166 -2.19 0.32 -2.01
CA ILE A 166 -1.54 -0.66 -2.87
C ILE A 166 -2.09 -0.48 -4.28
N LEU A 167 -1.19 -0.45 -5.24
CA LEU A 167 -1.57 -0.37 -6.65
C LEU A 167 -1.30 -1.71 -7.30
N ILE A 168 -2.11 -2.05 -8.32
CA ILE A 168 -2.01 -3.35 -8.94
C ILE A 168 -1.99 -3.18 -10.45
N ASN A 169 -1.10 -3.91 -11.12
CA ASN A 169 -0.94 -3.72 -12.55
C ASN A 169 -1.71 -4.72 -13.41
N SER A 170 -1.47 -4.69 -14.72
CA SER A 170 -2.28 -5.49 -15.63
C SER A 170 -2.01 -6.96 -15.46
N ASN A 171 -0.90 -7.31 -14.81
CA ASN A 171 -0.59 -8.72 -14.57
C ASN A 171 -0.90 -9.12 -13.15
N LEU A 172 -1.57 -8.21 -12.44
CA LEU A 172 -2.00 -8.42 -11.06
C LEU A 172 -0.87 -8.26 -10.03
N VAL A 173 0.26 -7.72 -10.45
CA VAL A 173 1.38 -7.52 -9.54
C VAL A 173 1.05 -6.34 -8.65
N CYS A 174 1.18 -6.54 -7.33
CA CYS A 174 0.88 -5.49 -6.37
C CYS A 174 2.11 -4.77 -5.83
N LYS A 175 1.99 -3.45 -5.70
CA LYS A 175 3.10 -2.61 -5.26
C LYS A 175 2.67 -1.58 -4.21
N VAL A 176 3.44 -1.52 -3.14
CA VAL A 176 3.22 -0.56 -2.07
C VAL A 176 3.47 0.89 -2.54
N SER A 177 2.58 1.80 -2.16
CA SER A 177 2.76 3.21 -2.51
C SER A 177 2.33 4.11 -1.37
N ASP A 178 2.31 5.41 -1.66
CA ASP A 178 1.89 6.42 -0.70
C ASP A 178 2.83 6.53 0.50
N PHE A 179 3.96 7.20 0.29
CA PHE A 179 4.93 7.40 1.36
C PHE A 179 4.82 8.80 1.97
N GLY A 180 3.60 9.35 1.95
CA GLY A 180 3.31 10.66 2.53
C GLY A 180 3.40 10.67 4.05
N LEU A 181 2.92 9.60 4.67
CA LEU A 181 3.10 9.41 6.11
C LEU A 181 4.37 8.61 6.38
N PRO A 201 -5.43 7.06 10.62
CA PRO A 201 -6.00 5.92 9.88
C PRO A 201 -6.26 4.79 10.87
N ILE A 202 -7.28 5.01 11.69
CA ILE A 202 -7.53 4.20 12.88
C ILE A 202 -7.67 2.72 12.58
N ARG A 203 -8.44 2.41 11.54
CA ARG A 203 -8.77 1.03 11.19
C ARG A 203 -7.57 0.17 10.85
N TRP A 204 -6.48 0.79 10.40
CA TRP A 204 -5.28 0.07 9.96
C TRP A 204 -4.14 0.12 10.98
N THR A 205 -4.34 0.89 12.04
CA THR A 205 -3.25 1.14 12.99
C THR A 205 -3.26 0.15 14.18
N SER A 206 -2.07 -0.31 14.56
CA SER A 206 -1.93 -1.24 15.67
C SER A 206 -2.42 -0.58 16.95
N PRO A 207 -2.85 -1.39 17.94
CA PRO A 207 -3.35 -0.87 19.21
C PRO A 207 -2.33 0.04 19.89
N GLU A 208 -1.05 -0.37 19.93
CA GLU A 208 -0.04 0.41 20.64
C GLU A 208 0.30 1.72 19.93
N ALA A 209 0.20 1.73 18.59
CA ALA A 209 0.45 2.94 17.81
C ALA A 209 -0.69 3.94 18.00
N ILE A 210 -1.91 3.44 18.07
CA ILE A 210 -3.05 4.28 18.40
C ILE A 210 -2.91 4.84 19.84
N ALA A 211 -2.53 3.99 20.79
CA ALA A 211 -2.52 4.36 22.21
C ALA A 211 -1.48 5.42 22.57
N TYR A 212 -0.24 5.23 22.11
CA TYR A 212 0.83 6.19 22.39
C TYR A 212 1.86 6.36 21.28
N ARG A 213 1.40 6.23 20.04
CA ARG A 213 2.26 6.44 18.88
C ARG A 213 3.49 5.55 18.82
N LYS A 214 3.35 4.31 19.25
CA LYS A 214 4.46 3.37 19.13
C LYS A 214 4.44 2.73 17.73
N PHE A 215 5.06 3.42 16.78
CA PHE A 215 5.16 2.91 15.42
C PHE A 215 6.46 2.13 15.20
N THR A 216 6.35 0.87 14.80
CA THR A 216 7.52 0.06 14.46
C THR A 216 7.13 -0.79 13.26
N SER A 217 8.07 -1.60 12.79
CA SER A 217 7.77 -2.55 11.74
C SER A 217 6.68 -3.53 12.18
N ALA A 218 6.57 -3.75 13.48
CA ALA A 218 5.55 -4.65 13.99
C ALA A 218 4.16 -4.01 13.92
N SER A 219 4.06 -2.68 13.96
CA SER A 219 2.76 -2.07 13.78
C SER A 219 2.38 -2.10 12.28
N ASP A 220 3.37 -1.96 11.39
CA ASP A 220 3.17 -2.21 9.98
C ASP A 220 2.65 -3.65 9.75
N VAL A 221 3.22 -4.61 10.46
CA VAL A 221 2.76 -6.00 10.33
C VAL A 221 1.28 -6.10 10.72
N TRP A 222 0.89 -5.46 11.81
CA TRP A 222 -0.53 -5.36 12.14
C TRP A 222 -1.35 -4.86 10.95
N SER A 223 -0.89 -3.77 10.34
CA SER A 223 -1.57 -3.18 9.17
C SER A 223 -1.67 -4.19 8.05
N TYR A 224 -0.63 -4.98 7.87
CA TYR A 224 -0.62 -5.99 6.82
C TYR A 224 -1.73 -6.98 7.07
N GLY A 225 -1.95 -7.31 8.34
CA GLY A 225 -3.04 -8.20 8.70
C GLY A 225 -4.36 -7.65 8.22
N ILE A 226 -4.56 -6.35 8.36
CA ILE A 226 -5.82 -5.73 7.96
C ILE A 226 -5.92 -5.78 6.43
N VAL A 227 -4.80 -5.50 5.75
CA VAL A 227 -4.77 -5.59 4.29
C VAL A 227 -5.13 -7.02 3.84
N LEU A 228 -4.59 -8.00 4.54
CA LEU A 228 -4.90 -9.39 4.26
C LEU A 228 -6.40 -9.67 4.39
N TRP A 229 -7.01 -9.13 5.45
CA TRP A 229 -8.47 -9.21 5.59
C TRP A 229 -9.17 -8.51 4.43
N GLU A 230 -8.70 -7.31 4.09
CA GLU A 230 -9.26 -6.53 3.00
C GLU A 230 -9.24 -7.32 1.68
N VAL A 231 -8.12 -7.98 1.41
CA VAL A 231 -7.98 -8.75 0.17
C VAL A 231 -8.94 -9.95 0.17
N MET A 232 -8.89 -10.76 1.23
CA MET A 232 -9.77 -11.94 1.29
C MET A 232 -11.25 -11.52 1.32
N SER A 233 -11.53 -10.27 1.71
CA SER A 233 -12.89 -9.74 1.70
C SER A 233 -13.25 -9.01 0.40
N TYR A 234 -12.30 -8.97 -0.54
CA TYR A 234 -12.53 -8.30 -1.80
C TYR A 234 -12.89 -6.83 -1.62
N GLY A 235 -12.12 -6.12 -0.79
CA GLY A 235 -12.26 -4.67 -0.71
C GLY A 235 -13.30 -4.17 0.29
N GLU A 236 -13.82 -5.05 1.14
CA GLU A 236 -14.67 -4.60 2.24
C GLU A 236 -13.91 -3.66 3.18
N ARG A 237 -14.60 -2.68 3.75
CA ARG A 237 -13.98 -1.76 4.68
C ARG A 237 -13.77 -2.43 6.04
N PRO A 238 -12.53 -2.39 6.55
CA PRO A 238 -12.20 -2.92 7.87
C PRO A 238 -13.12 -2.32 8.93
N TYR A 239 -13.75 -3.19 9.74
CA TYR A 239 -14.67 -2.74 10.79
C TYR A 239 -15.87 -1.95 10.25
N TRP A 240 -16.09 -2.05 8.95
CA TRP A 240 -17.25 -1.40 8.31
C TRP A 240 -17.37 0.07 8.71
N GLU A 241 -18.53 0.49 9.23
CA GLU A 241 -18.71 1.89 9.61
C GLU A 241 -18.82 2.08 11.13
N MET A 242 -18.27 1.13 11.89
CA MET A 242 -18.22 1.28 13.35
C MET A 242 -17.62 2.65 13.71
N SER A 243 -18.11 3.28 14.77
CA SER A 243 -17.50 4.56 15.14
C SER A 243 -16.05 4.27 15.55
N ASN A 244 -15.17 5.25 15.37
CA ASN A 244 -13.75 5.07 15.71
C ASN A 244 -13.47 4.59 17.14
N GLN A 245 -14.15 5.18 18.13
CA GLN A 245 -13.97 4.82 19.54
C GLN A 245 -14.29 3.35 19.80
N ASP A 246 -15.25 2.82 19.06
CA ASP A 246 -15.63 1.42 19.22
C ASP A 246 -14.60 0.50 18.55
N VAL A 247 -14.06 0.92 17.41
CA VAL A 247 -12.98 0.15 16.80
C VAL A 247 -11.80 0.09 17.77
N ILE A 248 -11.45 1.24 18.34
CA ILE A 248 -10.36 1.32 19.31
C ILE A 248 -10.61 0.43 20.52
N LYS A 249 -11.79 0.57 21.13
CA LYS A 249 -12.08 -0.18 22.36
C LYS A 249 -12.21 -1.69 22.09
N ALA A 250 -12.91 -2.05 21.03
CA ALA A 250 -13.14 -3.46 20.71
C ALA A 250 -11.83 -4.21 20.48
N VAL A 251 -10.96 -3.61 19.68
CA VAL A 251 -9.68 -4.22 19.37
C VAL A 251 -8.86 -4.34 20.67
N ASP A 252 -8.83 -3.25 21.44
CA ASP A 252 -8.14 -3.29 22.74
C ASP A 252 -8.67 -4.42 23.63
N GLU A 253 -9.98 -4.68 23.61
CA GLU A 253 -10.57 -5.77 24.39
C GLU A 253 -10.27 -7.19 23.86
N GLY A 254 -9.57 -7.31 22.74
CA GLY A 254 -9.26 -8.62 22.22
C GLY A 254 -10.11 -9.03 21.02
N TYR A 255 -11.08 -8.20 20.65
CA TYR A 255 -11.96 -8.51 19.51
C TYR A 255 -11.27 -8.33 18.18
N ARG A 256 -11.54 -9.23 17.25
CA ARG A 256 -10.88 -9.17 15.95
C ARG A 256 -11.89 -9.33 14.83
N LEU A 257 -11.54 -8.78 13.67
CA LEU A 257 -12.34 -8.99 12.48
C LEU A 257 -12.58 -10.48 12.27
N PRO A 258 -13.82 -10.85 11.89
CA PRO A 258 -14.18 -12.24 11.60
C PRO A 258 -13.57 -12.74 10.29
N PRO A 259 -13.50 -14.07 10.12
CA PRO A 259 -12.97 -14.65 8.88
C PRO A 259 -13.85 -14.26 7.71
N PRO A 260 -13.26 -13.71 6.65
CA PRO A 260 -14.09 -13.38 5.48
C PRO A 260 -14.74 -14.64 4.91
N MET A 261 -15.77 -14.49 4.09
CA MET A 261 -16.43 -15.64 3.50
C MET A 261 -15.46 -16.55 2.74
N ASP A 262 -15.55 -17.84 2.98
CA ASP A 262 -14.71 -18.84 2.35
C ASP A 262 -13.20 -18.63 2.58
N CYS A 263 -12.84 -17.91 3.65
CA CYS A 263 -11.41 -17.73 3.90
C CYS A 263 -10.78 -19.05 4.35
N PRO A 264 -9.70 -19.47 3.68
CA PRO A 264 -8.91 -20.61 4.16
C PRO A 264 -8.41 -20.36 5.58
N ALA A 265 -8.45 -21.39 6.42
CA ALA A 265 -8.02 -21.24 7.81
C ALA A 265 -6.59 -20.74 7.88
N ALA A 266 -5.75 -21.16 6.93
CA ALA A 266 -4.35 -20.76 6.96
C ALA A 266 -4.21 -19.24 6.87
N LEU A 267 -5.02 -18.61 6.02
CA LEU A 267 -4.93 -17.17 5.84
C LEU A 267 -5.57 -16.42 6.99
N TYR A 268 -6.63 -16.98 7.55
CA TYR A 268 -7.24 -16.38 8.74
C TYR A 268 -6.29 -16.42 9.93
N GLN A 269 -5.63 -17.55 10.16
CA GLN A 269 -4.72 -17.65 11.29
C GLN A 269 -3.57 -16.67 11.10
N LEU A 270 -3.15 -16.48 9.85
CA LEU A 270 -2.12 -15.49 9.56
C LEU A 270 -2.58 -14.08 10.00
N MET A 271 -3.83 -13.73 9.71
CA MET A 271 -4.38 -12.47 10.18
C MET A 271 -4.29 -12.35 11.71
N LEU A 272 -4.72 -13.41 12.40
CA LEU A 272 -4.68 -13.40 13.86
C LEU A 272 -3.26 -13.24 14.38
N ASP A 273 -2.30 -13.88 13.71
CA ASP A 273 -0.89 -13.73 14.12
C ASP A 273 -0.44 -12.28 13.98
N CYS A 274 -0.76 -11.66 12.84
CA CYS A 274 -0.40 -10.27 12.60
C CYS A 274 -1.05 -9.36 13.62
N TRP A 275 -2.17 -9.80 14.21
CA TRP A 275 -2.91 -8.99 15.18
C TRP A 275 -2.69 -9.45 16.64
N GLN A 276 -1.59 -10.14 16.92
CA GLN A 276 -1.27 -10.42 18.33
C GLN A 276 -1.24 -9.11 19.12
N LYS A 277 -1.81 -9.12 20.32
CA LYS A 277 -1.76 -7.94 21.18
C LYS A 277 -0.30 -7.58 21.49
N ASP A 278 0.49 -8.58 21.86
CA ASP A 278 1.90 -8.37 22.12
C ASP A 278 2.67 -8.26 20.78
N ARG A 279 3.13 -7.06 20.44
CA ARG A 279 3.73 -6.85 19.12
C ARG A 279 4.96 -7.73 18.89
N ASN A 280 5.63 -8.13 19.97
CA ASN A 280 6.78 -9.02 19.87
C ASN A 280 6.41 -10.43 19.43
N ASN A 281 5.13 -10.78 19.56
CA ASN A 281 4.60 -12.07 19.11
C ASN A 281 4.18 -12.11 17.63
N ARG A 282 4.16 -10.96 16.95
CA ARG A 282 3.79 -10.91 15.53
C ARG A 282 4.93 -11.42 14.65
N PRO A 283 4.60 -12.06 13.54
CA PRO A 283 5.67 -12.55 12.66
C PRO A 283 6.36 -11.36 11.99
N LYS A 284 7.62 -11.55 11.62
CA LYS A 284 8.34 -10.55 10.83
C LYS A 284 7.87 -10.67 9.37
N PHE A 285 8.03 -9.61 8.61
CA PHE A 285 7.68 -9.68 7.21
C PHE A 285 8.37 -10.83 6.49
N GLU A 286 9.60 -11.14 6.88
CA GLU A 286 10.30 -12.25 6.22
C GLU A 286 9.57 -13.58 6.42
N GLN A 287 9.00 -13.78 7.61
CA GLN A 287 8.23 -15.00 7.89
C GLN A 287 6.89 -14.99 7.15
N ILE A 288 6.29 -13.81 7.06
CA ILE A 288 5.05 -13.67 6.31
C ILE A 288 5.33 -14.04 4.86
N VAL A 289 6.41 -13.52 4.30
CA VAL A 289 6.78 -13.87 2.94
C VAL A 289 6.97 -15.38 2.82
N SER A 290 7.69 -15.97 3.77
CA SER A 290 7.93 -17.42 3.79
C SER A 290 6.66 -18.22 3.87
N ILE A 291 5.75 -17.79 4.74
CA ILE A 291 4.44 -18.41 4.87
C ILE A 291 3.64 -18.40 3.56
N LEU A 292 3.61 -17.26 2.88
CA LEU A 292 2.83 -17.12 1.65
C LEU A 292 3.48 -17.90 0.50
N ASP A 293 4.81 -18.03 0.51
CA ASP A 293 5.49 -18.80 -0.53
C ASP A 293 5.13 -20.28 -0.42
N LYS A 294 4.93 -20.78 0.80
CA LYS A 294 4.48 -22.15 1.01
C LYS A 294 3.05 -22.38 0.56
N LEU A 295 2.16 -21.42 0.85
CA LEU A 295 0.75 -21.57 0.47
C LEU A 295 0.59 -21.46 -1.03
N ILE A 296 1.49 -20.73 -1.67
CA ILE A 296 1.45 -20.56 -3.11
C ILE A 296 1.89 -21.83 -3.83
N ARG A 297 2.67 -22.67 -3.15
CA ARG A 297 3.21 -23.88 -3.78
C ARG A 297 2.20 -25.01 -3.96
N LEU A 302 -4.83 -25.44 2.14
CA LEU A 302 -5.75 -24.36 1.77
C LEU A 302 -7.19 -24.83 1.61
N LYS A 303 -7.38 -26.14 1.54
CA LYS A 303 -8.71 -26.71 1.37
C LYS A 303 -9.55 -26.47 2.62
N ILE A 304 -8.87 -26.35 3.76
CA ILE A 304 -9.56 -26.15 5.04
C ILE A 304 -10.09 -24.72 5.13
N ILE A 305 -11.41 -24.59 5.16
CA ILE A 305 -12.08 -23.30 5.23
C ILE A 305 -12.55 -23.07 6.66
N THR A 306 -12.59 -21.81 7.07
CA THR A 306 -13.00 -21.47 8.42
C THR A 306 -14.48 -21.78 8.67
N ASN A 314 -20.10 -8.50 13.11
CA ASN A 314 -19.70 -8.94 14.45
C ASN A 314 -18.24 -9.41 14.55
N LEU A 315 -17.55 -8.94 15.58
CA LEU A 315 -16.16 -9.28 15.83
C LEU A 315 -16.06 -10.52 16.73
N LEU A 316 -14.96 -11.26 16.64
CA LEU A 316 -14.77 -12.43 17.49
C LEU A 316 -13.78 -12.10 18.59
N LEU A 317 -14.00 -12.71 19.76
CA LEU A 317 -13.11 -12.48 20.90
C LEU A 317 -11.91 -13.41 20.89
#